data_4WTI
#
_entry.id   4WTI
#
_cell.length_a   140.150
_cell.length_b   140.150
_cell.length_c   92.760
_cell.angle_alpha   90.000
_cell.angle_beta   90.000
_cell.angle_gamma   120.000
#
_symmetry.space_group_name_H-M   'P 65'
#
loop_
_entity.id
_entity.type
_entity.pdbx_description
1 polymer 'RNA TEMPLATE ACGG'
2 polymer 'RNA PRIMER CC'
3 polymer 'RNA-directed RNA polymerase'
4 non-polymer 'MANGANESE (II) ION'
5 non-polymer 'CHLORIDE ION'
6 non-polymer "GUANOSINE-5'-DIPHOSPHATE"
7 non-polymer 2-[3-(2-HYDROXY-1,1-DIHYDROXYMETHYL-ETHYLAMINO)-PROPYLAMINO]-2-HYDROXYMETHYL-PROPANE-1,3-DIOL
8 water water
#
loop_
_entity_poly.entity_id
_entity_poly.type
_entity_poly.pdbx_seq_one_letter_code
_entity_poly.pdbx_strand_id
1 'polyribonucleotide' ACGG T
2 'polyribonucleotide' CC P
3 'polypeptide(L)'
;MSSMSYSWTGALITPCGPEEEKLPINPLSNSLLRYHNKVYCTTSKSASQRAKKVTFDRTQVLDAHYDSVLKDIKLAASKV
SARLLTLQQACQLTPPHSARSKYGFGAKEVRSLSGRAVNHIKSVWKDLLEDPQTPIPTTIMAKNEVFCVDPAKGGKKPAR
LIVYPDLGVRVCEKMALYDITQKLPQAVMGASYGFQYSPAQRVEYLLKAWAEKKDPMGFSYDTRHFDSTVTERDIRTEES
IYQACSLPEEARTAIHSLTERLYVGGPMFNSKGQTCGYRRCRASGVLTTSMGNTITCYVKALAACKAAGIVAPTMLVCGD
DLIVISESQGTEEDERNLRAFTEAMTRYSAPPGDPPRPEYDLELITSCSSNVSVALGPRGRRRYYLTRDPTTPLARAAWE
TVRHSPINSWLGNIIQYAPTIWVRMVLMTHFFSILMVQDTLDQNLNFEMYGSVYSVNPLDLPAIIERLHGLDAFSMHTYS
HHELTRVASALRKLGAPPLRVWKSRARAVRASLISRGGKAAVCGRYLFNWAVKTKLKLTPLPEARLLDLSSWFTVGAGGG
DIFHSVSRARPRLEHHHHHH
;
A
#
loop_
_chem_comp.id
_chem_comp.type
_chem_comp.name
_chem_comp.formula
A RNA linking ADENOSINE-5'-MONOPHOSPHATE 'C10 H14 N5 O7 P'
B3P non-polymer 2-[3-(2-HYDROXY-1,1-DIHYDROXYMETHYL-ETHYLAMINO)-PROPYLAMINO]-2-HYDROXYMETHYL-PROPANE-1,3-DIOL 'C11 H26 N2 O6'
C RNA linking CYTIDINE-5'-MONOPHOSPHATE 'C9 H14 N3 O8 P'
CL non-polymer 'CHLORIDE ION' 'Cl -1'
G RNA linking GUANOSINE-5'-MONOPHOSPHATE 'C10 H14 N5 O8 P'
GDP RNA linking GUANOSINE-5'-DIPHOSPHATE 'C10 H15 N5 O11 P2'
MN non-polymer 'MANGANESE (II) ION' 'Mn 2'
#
# COMPACT_ATOMS: atom_id res chain seq x y z
N SER C 2 9.00 -10.05 28.42
CA SER C 2 8.57 -11.34 27.81
C SER C 2 9.38 -11.70 26.53
N SER C 3 8.79 -11.54 25.33
CA SER C 3 9.30 -12.20 24.11
C SER C 3 10.19 -11.36 23.23
N MET C 4 11.24 -11.98 22.69
CA MET C 4 12.04 -11.38 21.61
C MET C 4 11.32 -11.54 20.29
N SER C 5 11.48 -10.56 19.40
CA SER C 5 10.88 -10.63 18.07
C SER C 5 11.62 -11.64 17.18
N TYR C 6 12.94 -11.76 17.36
CA TYR C 6 13.75 -12.68 16.57
C TYR C 6 14.97 -13.19 17.34
N SER C 7 15.60 -14.23 16.79
CA SER C 7 16.93 -14.69 17.22
C SER C 7 17.63 -15.29 16.02
N TRP C 8 18.93 -15.09 15.90
CA TRP C 8 19.64 -15.39 14.66
C TRP C 8 20.80 -16.35 14.89
N THR C 9 21.14 -17.09 13.86
CA THR C 9 22.21 -18.06 13.92
C THR C 9 23.57 -17.46 13.57
N GLY C 10 23.52 -16.39 12.77
CA GLY C 10 24.72 -15.82 12.17
C GLY C 10 24.81 -16.18 10.70
N ALA C 11 23.81 -16.88 10.17
CA ALA C 11 23.74 -17.16 8.73
C ALA C 11 23.27 -15.91 8.01
N LEU C 12 23.90 -15.61 6.89
CA LEU C 12 23.50 -14.47 6.08
C LEU C 12 22.09 -14.66 5.50
N ILE C 13 21.42 -13.53 5.27
CA ILE C 13 20.20 -13.50 4.48
C ILE C 13 20.64 -13.38 3.03
N THR C 14 20.42 -14.45 2.26
CA THR C 14 20.94 -14.56 0.90
C THR C 14 19.93 -14.12 -0.14
N PRO C 15 20.42 -13.63 -1.28
CA PRO C 15 19.58 -13.11 -2.37
C PRO C 15 18.77 -14.17 -3.14
N CYS C 16 17.61 -13.77 -3.67
CA CYS C 16 16.68 -14.70 -4.35
C CYS C 16 17.07 -14.96 -5.82
N GLY C 17 18.37 -14.89 -6.13
CA GLY C 17 18.86 -14.85 -7.51
C GLY C 17 19.89 -13.74 -7.63
N PRO C 18 19.97 -13.08 -8.81
CA PRO C 18 20.86 -11.92 -8.95
C PRO C 18 20.10 -10.61 -8.75
N GLU C 19 20.75 -9.63 -8.12
CA GLU C 19 20.13 -8.33 -7.81
C GLU C 19 20.66 -7.24 -8.73
N GLU C 20 19.79 -6.74 -9.63
CA GLU C 20 20.20 -5.85 -10.74
C GLU C 20 20.69 -4.48 -10.25
N GLU C 21 21.90 -4.08 -10.69
CA GLU C 21 22.36 -2.69 -10.56
C GLU C 21 21.96 -1.99 -11.85
N LYS C 22 22.03 -0.66 -11.86
CA LYS C 22 21.61 0.12 -13.01
C LYS C 22 22.64 0.01 -14.16
N LEU C 23 22.33 0.66 -15.28
CA LEU C 23 23.22 0.70 -16.45
C LEU C 23 23.77 2.13 -16.67
N PRO C 24 24.82 2.26 -17.50
CA PRO C 24 25.43 3.58 -17.71
C PRO C 24 24.57 4.57 -18.48
N ILE C 25 23.56 4.08 -19.20
CA ILE C 25 22.56 4.92 -19.87
C ILE C 25 21.18 4.39 -19.54
N ASN C 26 20.29 5.30 -19.13
CA ASN C 26 18.88 5.04 -18.91
C ASN C 26 18.08 5.74 -19.98
N PRO C 27 17.83 5.05 -21.10
CA PRO C 27 17.28 5.74 -22.28
C PRO C 27 15.84 6.22 -22.15
N LEU C 28 15.03 5.49 -21.41
CA LEU C 28 13.67 5.91 -21.15
C LEU C 28 13.55 7.11 -20.20
N SER C 29 14.47 7.23 -19.23
CA SER C 29 14.29 8.21 -18.14
C SER C 29 15.34 9.33 -18.07
N ASN C 30 16.33 9.34 -18.95
CA ASN C 30 17.36 10.38 -18.88
C ASN C 30 16.95 11.73 -19.48
N SER C 31 15.71 11.85 -19.96
CA SER C 31 15.15 13.15 -20.26
C SER C 31 14.09 13.54 -19.22
N LEU C 32 13.85 12.68 -18.22
CA LEU C 32 12.94 13.00 -17.13
C LEU C 32 13.69 13.65 -15.98
N LEU C 33 14.84 13.09 -15.64
CA LEU C 33 15.67 13.63 -14.58
C LEU C 33 17.13 13.26 -14.79
N ARG C 34 18.01 14.00 -14.13
CA ARG C 34 19.47 13.83 -14.32
C ARG C 34 20.20 13.07 -13.22
N TYR C 35 19.74 13.15 -11.97
CA TYR C 35 20.50 12.62 -10.84
C TYR C 35 20.25 11.16 -10.59
N HIS C 36 20.65 10.32 -11.53
CA HIS C 36 20.41 8.91 -11.45
C HIS C 36 21.22 8.26 -10.35
N ASN C 37 22.25 8.96 -9.88
CA ASN C 37 23.06 8.50 -8.76
C ASN C 37 22.24 8.43 -7.45
N LYS C 38 21.23 9.28 -7.32
CA LYS C 38 20.39 9.30 -6.12
C LYS C 38 19.34 8.18 -6.10
N VAL C 39 19.02 7.63 -7.27
CA VAL C 39 18.05 6.55 -7.33
C VAL C 39 18.78 5.24 -7.02
N TYR C 40 18.23 4.45 -6.10
CA TYR C 40 18.86 3.19 -5.67
C TYR C 40 17.84 2.10 -5.34
N CYS C 41 18.28 0.84 -5.37
CA CYS C 41 17.41 -0.29 -5.02
C CYS C 41 17.93 -1.05 -3.80
N THR C 42 17.12 -1.18 -2.76
CA THR C 42 17.48 -1.94 -1.55
C THR C 42 17.84 -3.38 -1.91
N THR C 43 18.89 -3.93 -1.30
CA THR C 43 19.30 -5.31 -1.55
C THR C 43 19.59 -6.09 -0.28
N SER C 44 19.85 -7.39 -0.46
CA SER C 44 20.15 -8.31 0.61
C SER C 44 21.48 -7.98 1.28
N LYS C 45 22.37 -7.28 0.58
CA LYS C 45 23.57 -6.76 1.23
C LYS C 45 23.20 -5.97 2.50
N SER C 46 22.07 -5.25 2.49
CA SER C 46 21.67 -4.43 3.65
C SER C 46 20.75 -5.13 4.64
N ALA C 47 20.51 -6.43 4.44
CA ALA C 47 19.51 -7.17 5.19
C ALA C 47 19.86 -7.28 6.66
N SER C 48 21.13 -7.56 6.95
CA SER C 48 21.58 -7.69 8.34
C SER C 48 21.34 -6.43 9.17
N GLN C 49 21.54 -5.27 8.57
CA GLN C 49 21.28 -3.99 9.27
C GLN C 49 19.79 -3.83 9.62
N ARG C 50 18.91 -4.30 8.74
CA ARG C 50 17.47 -4.30 9.02
C ARG C 50 17.16 -5.23 10.20
N ALA C 51 17.70 -6.44 10.12
CA ALA C 51 17.62 -7.42 11.23
C ALA C 51 18.04 -6.89 12.61
N LYS C 52 19.13 -6.12 12.68
CA LYS C 52 19.51 -5.46 13.94
C LYS C 52 18.41 -4.47 14.36
N LYS C 53 17.93 -3.66 13.43
CA LYS C 53 16.93 -2.63 13.78
C LYS C 53 15.58 -3.20 14.26
N VAL C 54 15.26 -4.46 13.95
CA VAL C 54 13.93 -5.03 14.29
C VAL C 54 13.91 -6.15 15.35
N THR C 55 15.10 -6.63 15.70
CA THR C 55 15.28 -7.54 16.82
C THR C 55 15.23 -6.81 18.17
N PHE C 56 14.12 -6.96 18.89
CA PHE C 56 13.95 -6.36 20.21
C PHE C 56 12.93 -7.09 21.09
N ASP C 57 12.88 -6.69 22.35
CA ASP C 57 12.13 -7.38 23.39
C ASP C 57 10.80 -6.67 23.66
N ARG C 58 9.73 -7.44 23.65
CA ARG C 58 8.39 -6.88 23.76
C ARG C 58 7.83 -7.10 25.15
N THR C 59 7.01 -6.15 25.60
CA THR C 59 6.42 -6.20 26.93
C THR C 59 5.07 -5.53 26.86
N GLN C 60 4.13 -6.27 26.33
CA GLN C 60 2.77 -5.81 26.13
C GLN C 60 2.10 -5.70 27.50
N VAL C 61 1.20 -4.73 27.67
CA VAL C 61 0.45 -4.57 28.91
C VAL C 61 -0.93 -4.01 28.57
N LEU C 62 -1.95 -4.84 28.70
CA LEU C 62 -3.29 -4.49 28.24
C LEU C 62 -4.07 -3.84 29.34
N ASP C 63 -5.35 -3.55 29.13
CA ASP C 63 -6.13 -2.84 30.12
C ASP C 63 -7.59 -2.90 29.76
N ALA C 64 -8.45 -2.38 30.62
CA ALA C 64 -9.87 -2.45 30.39
C ALA C 64 -10.28 -1.86 29.04
N HIS C 65 -9.63 -0.78 28.60
CA HIS C 65 -10.01 -0.10 27.34
C HIS C 65 -9.84 -1.03 26.14
N TYR C 66 -8.67 -1.65 26.08
CA TYR C 66 -8.42 -2.68 25.12
C TYR C 66 -9.49 -3.76 25.20
N ASP C 67 -9.64 -4.38 26.37
CA ASP C 67 -10.60 -5.49 26.57
C ASP C 67 -12.00 -5.12 26.10
N SER C 68 -12.47 -3.95 26.49
CA SER C 68 -13.75 -3.46 26.03
C SER C 68 -13.86 -3.42 24.49
N VAL C 69 -12.77 -3.00 23.84
CA VAL C 69 -12.78 -2.82 22.38
C VAL C 69 -12.77 -4.18 21.69
N LEU C 70 -11.78 -4.99 22.06
CA LEU C 70 -11.71 -6.38 21.60
C LEU C 70 -13.08 -7.04 21.67
N LYS C 71 -13.76 -6.88 22.80
CA LYS C 71 -15.11 -7.43 23.00
C LYS C 71 -16.05 -6.97 21.90
N ASP C 72 -16.13 -5.66 21.70
CA ASP C 72 -17.04 -5.13 20.67
C ASP C 72 -16.73 -5.66 19.28
N ILE C 73 -15.44 -5.83 19.00
CA ILE C 73 -15.01 -6.27 17.68
C ILE C 73 -15.44 -7.71 17.39
N LYS C 74 -15.44 -8.55 18.42
CA LYS C 74 -15.94 -9.93 18.30
C LYS C 74 -17.45 -10.02 18.04
N LEU C 75 -18.25 -9.20 18.70
CA LEU C 75 -19.69 -9.18 18.46
C LEU C 75 -19.95 -8.76 17.01
N ALA C 76 -19.15 -7.81 16.53
CA ALA C 76 -19.25 -7.36 15.12
C ALA C 76 -18.84 -8.49 14.17
N ALA C 77 -17.75 -9.20 14.48
CA ALA C 77 -17.30 -10.33 13.66
C ALA C 77 -18.37 -11.42 13.55
N SER C 78 -19.14 -11.59 14.62
CA SER C 78 -20.13 -12.68 14.69
C SER C 78 -21.24 -12.54 13.66
N LYS C 79 -21.41 -11.38 13.04
CA LYS C 79 -22.44 -11.21 12.02
C LYS C 79 -21.93 -11.61 10.61
N VAL C 80 -20.78 -12.28 10.55
CA VAL C 80 -20.15 -12.70 9.31
C VAL C 80 -20.25 -14.20 9.20
N SER C 81 -20.72 -14.69 8.06
CA SER C 81 -20.56 -16.12 7.75
C SER C 81 -19.61 -16.28 6.58
N ALA C 82 -18.68 -17.22 6.70
CA ALA C 82 -17.60 -17.32 5.75
C ALA C 82 -17.36 -18.77 5.36
N ARG C 83 -17.26 -18.99 4.05
CA ARG C 83 -17.16 -20.33 3.51
C ARG C 83 -15.70 -20.74 3.32
N LEU C 84 -15.49 -22.04 3.13
CA LEU C 84 -14.23 -22.56 2.60
C LEU C 84 -14.12 -22.27 1.10
N LEU C 85 -12.90 -22.26 0.63
CA LEU C 85 -12.63 -22.20 -0.78
C LEU C 85 -12.19 -23.59 -1.19
N THR C 86 -12.64 -24.02 -2.35
CA THR C 86 -12.24 -25.32 -2.86
C THR C 86 -10.75 -25.22 -3.15
N LEU C 87 -10.05 -26.32 -2.98
CA LEU C 87 -8.65 -26.38 -3.33
C LEU C 87 -8.41 -25.77 -4.70
N GLN C 88 -9.34 -25.98 -5.62
CA GLN C 88 -9.21 -25.47 -7.00
C GLN C 88 -9.32 -23.94 -7.07
N GLN C 89 -10.34 -23.41 -6.39
CA GLN C 89 -10.54 -21.95 -6.31
C GLN C 89 -9.30 -21.24 -5.78
N ALA C 90 -8.76 -21.77 -4.68
CA ALA C 90 -7.54 -21.25 -4.09
C ALA C 90 -6.38 -21.31 -5.07
N CYS C 91 -6.25 -22.43 -5.77
CA CYS C 91 -5.15 -22.58 -6.73
C CYS C 91 -5.16 -21.46 -7.76
N GLN C 92 -6.34 -21.14 -8.27
CA GLN C 92 -6.47 -20.15 -9.32
C GLN C 92 -6.42 -18.68 -8.86
N LEU C 93 -6.20 -18.44 -7.58
CA LEU C 93 -5.93 -17.10 -7.09
C LEU C 93 -4.43 -16.94 -6.82
N THR C 94 -3.67 -18.01 -6.92
CA THR C 94 -2.23 -17.83 -6.96
C THR C 94 -1.86 -16.90 -8.13
N PRO C 95 -1.05 -15.86 -7.87
CA PRO C 95 -0.61 -15.00 -8.98
C PRO C 95 0.29 -15.72 -9.96
N PRO C 96 0.33 -15.23 -11.21
CA PRO C 96 1.00 -15.87 -12.35
C PRO C 96 2.48 -16.17 -12.20
N HIS C 97 3.22 -15.34 -11.45
CA HIS C 97 4.68 -15.58 -11.31
C HIS C 97 5.11 -15.90 -9.86
N SER C 98 4.17 -16.41 -9.06
CA SER C 98 4.40 -16.71 -7.64
C SER C 98 5.57 -17.66 -7.44
N ALA C 99 6.34 -17.44 -6.39
CA ALA C 99 7.54 -18.23 -6.16
C ALA C 99 7.26 -19.75 -6.20
N ARG C 100 8.03 -20.48 -7.00
CA ARG C 100 7.85 -21.93 -7.15
C ARG C 100 8.06 -22.70 -5.85
N SER C 101 7.40 -23.84 -5.72
CA SER C 101 7.55 -24.73 -4.56
C SER C 101 8.81 -25.55 -4.58
N LYS C 102 9.33 -25.84 -3.38
CA LYS C 102 10.45 -26.78 -3.15
C LYS C 102 10.20 -28.19 -3.72
N TYR C 103 8.94 -28.58 -3.87
CA TYR C 103 8.57 -29.89 -4.36
C TYR C 103 8.32 -29.91 -5.88
N GLY C 104 9.19 -29.23 -6.64
CA GLY C 104 9.29 -29.38 -8.10
C GLY C 104 8.13 -28.95 -9.00
N PHE C 105 7.37 -27.94 -8.59
CA PHE C 105 6.40 -27.31 -9.50
C PHE C 105 6.22 -25.85 -9.06
N GLY C 106 5.62 -25.03 -9.93
CA GLY C 106 5.38 -23.63 -9.64
C GLY C 106 4.01 -23.14 -10.07
N ALA C 107 3.87 -21.83 -10.16
CA ALA C 107 2.57 -21.21 -10.36
C ALA C 107 1.86 -21.68 -11.62
N LYS C 108 2.58 -21.97 -12.70
CA LYS C 108 1.92 -22.44 -13.94
C LYS C 108 1.12 -23.72 -13.64
N GLU C 109 1.79 -24.69 -13.01
CA GLU C 109 1.16 -25.96 -12.66
C GLU C 109 -0.05 -25.75 -11.74
N VAL C 110 0.10 -24.85 -10.77
CA VAL C 110 -0.96 -24.61 -9.80
C VAL C 110 -2.20 -23.99 -10.41
N ARG C 111 -2.03 -22.98 -11.25
CA ARG C 111 -3.18 -22.29 -11.82
C ARG C 111 -3.86 -23.11 -12.90
N SER C 112 -3.11 -23.99 -13.56
CA SER C 112 -3.69 -24.85 -14.60
C SER C 112 -4.32 -26.10 -13.99
N LEU C 113 -3.99 -26.37 -12.72
CA LEU C 113 -4.47 -27.53 -11.97
C LEU C 113 -3.82 -28.82 -12.42
N SER C 114 -2.49 -28.81 -12.57
CA SER C 114 -1.75 -30.05 -12.83
C SER C 114 -1.99 -31.00 -11.68
N GLY C 115 -1.89 -32.30 -11.94
CA GLY C 115 -2.26 -33.29 -10.95
C GLY C 115 -1.20 -33.47 -9.89
N ARG C 116 0.04 -33.49 -10.33
CA ARG C 116 1.18 -33.46 -9.44
C ARG C 116 0.94 -32.46 -8.31
N ALA C 117 0.50 -31.26 -8.73
CA ALA C 117 0.38 -30.10 -7.85
C ALA C 117 -0.82 -30.19 -6.94
N VAL C 118 -1.99 -30.38 -7.53
CA VAL C 118 -3.25 -30.59 -6.80
C VAL C 118 -3.08 -31.67 -5.75
N ASN C 119 -2.23 -32.65 -6.06
CA ASN C 119 -1.99 -33.74 -5.15
C ASN C 119 -1.20 -33.30 -3.93
N HIS C 120 -0.02 -32.76 -4.15
CA HIS C 120 0.84 -32.26 -3.07
C HIS C 120 0.05 -31.40 -2.09
N ILE C 121 -0.83 -30.55 -2.62
CA ILE C 121 -1.60 -29.61 -1.82
C ILE C 121 -2.64 -30.31 -0.94
N LYS C 122 -3.26 -31.35 -1.47
CA LYS C 122 -4.21 -32.17 -0.69
C LYS C 122 -3.53 -32.75 0.54
N SER C 123 -2.33 -33.27 0.32
CA SER C 123 -1.63 -33.93 1.40
C SER C 123 -1.25 -32.88 2.46
N VAL C 124 -0.79 -31.72 1.98
CA VAL C 124 -0.46 -30.59 2.83
C VAL C 124 -1.62 -30.12 3.68
N TRP C 125 -2.82 -30.12 3.11
CA TRP C 125 -4.04 -29.77 3.83
C TRP C 125 -4.41 -30.81 4.88
N LYS C 126 -4.21 -32.08 4.54
CA LYS C 126 -4.50 -33.17 5.47
C LYS C 126 -3.55 -33.09 6.67
N ASP C 127 -2.28 -32.84 6.42
CA ASP C 127 -1.33 -32.61 7.50
C ASP C 127 -1.71 -31.41 8.41
N LEU C 128 -2.28 -30.34 7.84
CA LEU C 128 -2.78 -29.24 8.65
C LEU C 128 -3.88 -29.68 9.59
N LEU C 129 -4.80 -30.47 9.06
CA LEU C 129 -5.91 -30.98 9.81
C LEU C 129 -5.50 -32.03 10.85
N GLU C 130 -4.40 -32.75 10.61
CA GLU C 130 -3.99 -33.87 11.45
C GLU C 130 -3.00 -33.47 12.55
N ASP C 131 -2.27 -32.38 12.32
CA ASP C 131 -1.17 -31.96 13.19
C ASP C 131 -1.35 -30.47 13.44
N PRO C 132 -1.65 -30.08 14.70
CA PRO C 132 -1.87 -28.67 14.94
C PRO C 132 -0.69 -28.01 15.67
N GLN C 133 0.49 -28.60 15.59
CA GLN C 133 1.57 -28.23 16.48
C GLN C 133 2.92 -28.00 15.80
N THR C 134 3.34 -28.91 14.91
CA THR C 134 4.69 -28.80 14.35
C THR C 134 4.86 -27.45 13.64
N PRO C 135 5.82 -26.62 14.11
CA PRO C 135 6.19 -25.44 13.34
C PRO C 135 6.34 -25.71 11.85
N ILE C 136 5.89 -24.77 11.02
CA ILE C 136 6.08 -24.89 9.58
C ILE C 136 7.24 -24.01 9.12
N PRO C 137 8.22 -24.59 8.40
CA PRO C 137 9.37 -23.78 7.97
C PRO C 137 9.00 -22.68 6.96
N THR C 138 9.89 -21.69 6.87
CA THR C 138 9.69 -20.51 6.06
C THR C 138 11.00 -20.02 5.47
N THR C 139 10.92 -19.41 4.29
CA THR C 139 12.06 -18.75 3.68
C THR C 139 12.10 -17.27 4.07
N ILE C 140 13.31 -16.72 4.17
CA ILE C 140 13.50 -15.30 4.46
C ILE C 140 14.33 -14.62 3.38
N MET C 141 13.74 -13.56 2.80
CA MET C 141 14.39 -12.79 1.74
CA MET C 141 14.39 -12.79 1.74
C MET C 141 14.32 -11.30 2.03
N ALA C 142 15.23 -10.56 1.43
CA ALA C 142 15.20 -9.10 1.46
C ALA C 142 14.36 -8.58 0.27
N LYS C 143 13.62 -7.49 0.48
CA LYS C 143 12.81 -6.91 -0.57
C LYS C 143 13.62 -5.94 -1.39
N ASN C 144 13.42 -5.99 -2.71
CA ASN C 144 14.05 -5.04 -3.63
C ASN C 144 13.09 -3.93 -3.95
N GLU C 145 13.52 -2.71 -3.71
CA GLU C 145 12.59 -1.62 -3.60
C GLU C 145 13.40 -0.36 -3.85
N VAL C 146 12.85 0.57 -4.59
CA VAL C 146 13.60 1.73 -5.10
C VAL C 146 13.23 3.01 -4.35
N PHE C 147 14.25 3.76 -3.95
CA PHE C 147 14.06 5.06 -3.28
C PHE C 147 15.05 6.08 -3.81
N CYS C 148 14.80 7.35 -3.46
CA CYS C 148 15.76 8.42 -3.69
C CYS C 148 16.54 8.57 -2.40
N VAL C 149 17.84 8.82 -2.49
CA VAL C 149 18.65 8.99 -1.27
C VAL C 149 18.21 10.26 -0.53
N ASP C 150 18.18 10.17 0.80
CA ASP C 150 17.91 11.32 1.66
C ASP C 150 19.04 11.41 2.68
N PRO C 151 19.99 12.35 2.49
CA PRO C 151 21.10 12.41 3.45
C PRO C 151 20.65 12.85 4.85
N ALA C 152 19.60 13.67 4.93
CA ALA C 152 18.96 14.01 6.21
C ALA C 152 18.59 12.79 7.07
N LYS C 153 18.07 11.74 6.43
CA LYS C 153 17.59 10.54 7.11
C LYS C 153 18.51 9.31 6.86
N GLY C 154 19.83 9.52 6.96
CA GLY C 154 20.83 8.42 6.99
C GLY C 154 21.44 7.98 5.68
N GLY C 155 21.11 8.64 4.57
CA GLY C 155 21.59 8.23 3.27
C GLY C 155 20.73 7.15 2.62
N LYS C 156 21.03 5.88 2.92
CA LYS C 156 20.41 4.72 2.22
C LYS C 156 19.64 3.78 3.16
N LYS C 157 18.38 3.49 2.83
CA LYS C 157 17.54 2.59 3.64
C LYS C 157 17.90 1.10 3.49
N PRO C 158 17.98 0.38 4.64
CA PRO C 158 18.16 -1.08 4.62
C PRO C 158 16.88 -1.77 4.21
N ALA C 159 17.01 -2.84 3.41
CA ALA C 159 15.86 -3.61 2.88
C ALA C 159 14.99 -4.18 3.96
N ARG C 160 13.68 -4.18 3.76
CA ARG C 160 12.81 -4.85 4.72
C ARG C 160 12.83 -6.38 4.50
N LEU C 161 12.33 -7.11 5.49
CA LEU C 161 12.40 -8.56 5.51
C LEU C 161 11.08 -9.20 5.11
N ILE C 162 11.13 -10.18 4.22
CA ILE C 162 9.95 -10.91 3.79
C ILE C 162 10.08 -12.36 4.26
N VAL C 163 8.99 -12.90 4.81
CA VAL C 163 8.98 -14.22 5.45
C VAL C 163 7.75 -15.00 5.02
N TYR C 164 7.97 -16.07 4.25
CA TYR C 164 6.88 -16.82 3.64
C TYR C 164 7.14 -18.32 3.64
N PRO C 165 6.05 -19.13 3.72
CA PRO C 165 6.09 -20.58 3.56
C PRO C 165 6.05 -21.01 2.07
N ASP C 166 6.32 -22.29 1.82
CA ASP C 166 6.26 -22.87 0.49
C ASP C 166 4.91 -22.63 -0.18
N LEU C 167 4.95 -22.49 -1.50
CA LEU C 167 3.75 -22.38 -2.33
C LEU C 167 2.52 -23.20 -1.89
N GLY C 168 2.69 -24.49 -1.65
CA GLY C 168 1.58 -25.35 -1.19
C GLY C 168 0.83 -24.84 0.04
N VAL C 169 1.57 -24.32 1.00
CA VAL C 169 0.95 -23.81 2.22
C VAL C 169 0.15 -22.55 1.90
N ARG C 170 0.68 -21.72 1.00
CA ARG C 170 0.02 -20.46 0.65
C ARG C 170 -1.34 -20.75 0.06
N VAL C 171 -1.41 -21.80 -0.75
CA VAL C 171 -2.66 -22.19 -1.34
C VAL C 171 -3.62 -22.63 -0.24
N CYS C 172 -3.11 -23.43 0.70
CA CYS C 172 -3.96 -23.87 1.82
C CYS C 172 -4.41 -22.68 2.65
N GLU C 173 -3.51 -21.71 2.84
CA GLU C 173 -3.86 -20.48 3.55
C GLU C 173 -5.10 -19.88 2.98
N LYS C 174 -5.08 -19.69 1.66
CA LYS C 174 -6.21 -19.09 0.95
C LYS C 174 -7.47 -19.92 1.17
N MET C 175 -7.36 -21.26 1.15
CA MET C 175 -8.55 -22.11 1.31
C MET C 175 -9.24 -21.84 2.65
N ALA C 176 -8.44 -21.90 3.71
CA ALA C 176 -8.95 -21.67 5.05
C ALA C 176 -9.46 -20.23 5.25
N LEU C 177 -8.76 -19.24 4.69
CA LEU C 177 -8.90 -17.84 5.17
C LEU C 177 -9.27 -16.74 4.17
N TYR C 178 -9.24 -17.04 2.87
CA TYR C 178 -9.49 -16.02 1.87
C TYR C 178 -10.85 -15.40 2.02
N ASP C 179 -11.90 -16.21 2.13
CA ASP C 179 -13.26 -15.63 2.13
C ASP C 179 -13.39 -14.62 3.28
N ILE C 180 -12.73 -14.96 4.39
CA ILE C 180 -12.68 -14.07 5.54
C ILE C 180 -11.98 -12.76 5.21
N THR C 181 -10.80 -12.83 4.58
CA THR C 181 -10.11 -11.59 4.18
C THR C 181 -11.02 -10.66 3.39
N GLN C 182 -11.95 -11.19 2.59
CA GLN C 182 -12.87 -10.34 1.82
C GLN C 182 -14.06 -9.74 2.60
N LYS C 183 -14.30 -10.21 3.83
CA LYS C 183 -15.52 -9.87 4.55
C LYS C 183 -15.33 -9.29 5.95
N LEU C 184 -14.29 -9.70 6.65
CA LEU C 184 -14.13 -9.37 8.05
C LEU C 184 -13.78 -7.89 8.27
N PRO C 185 -12.66 -7.41 7.68
CA PRO C 185 -12.22 -6.04 7.94
C PRO C 185 -13.35 -5.07 7.74
N GLN C 186 -14.07 -5.21 6.64
CA GLN C 186 -15.22 -4.39 6.35
C GLN C 186 -16.27 -4.51 7.45
N ALA C 187 -16.44 -5.70 8.01
CA ALA C 187 -17.47 -5.96 9.01
C ALA C 187 -17.16 -5.39 10.40
N VAL C 188 -15.92 -5.48 10.85
CA VAL C 188 -15.57 -4.93 12.18
C VAL C 188 -15.33 -3.42 12.22
N MET C 189 -14.95 -2.84 11.07
CA MET C 189 -14.55 -1.43 10.96
C MET C 189 -15.48 -0.58 10.13
N GLY C 190 -16.25 -1.19 9.24
CA GLY C 190 -17.16 -0.41 8.43
C GLY C 190 -16.46 0.67 7.62
N ALA C 191 -16.92 1.90 7.79
CA ALA C 191 -16.39 3.05 7.05
C ALA C 191 -14.93 3.38 7.38
N SER C 192 -14.45 2.96 8.55
CA SER C 192 -13.06 3.20 8.93
C SER C 192 -12.06 2.37 8.14
N TYR C 193 -12.55 1.39 7.38
CA TYR C 193 -11.69 0.51 6.61
C TYR C 193 -11.13 1.25 5.41
N GLY C 194 -9.81 1.32 5.34
CA GLY C 194 -9.14 2.17 4.37
C GLY C 194 -9.19 1.69 2.94
N PHE C 195 -8.89 0.40 2.74
CA PHE C 195 -8.67 -0.12 1.39
C PHE C 195 -9.96 -0.35 0.63
N GLN C 196 -11.02 0.42 0.92
CA GLN C 196 -12.27 0.32 0.16
C GLN C 196 -12.51 1.57 -0.68
N TYR C 197 -11.77 2.63 -0.42
CA TYR C 197 -12.03 3.90 -1.07
C TYR C 197 -11.01 4.20 -2.17
N SER C 198 -11.50 4.83 -3.24
CA SER C 198 -10.65 5.45 -4.23
C SER C 198 -10.11 6.75 -3.63
N PRO C 199 -9.19 7.43 -4.33
CA PRO C 199 -8.66 8.71 -3.83
C PRO C 199 -9.74 9.77 -3.60
N ALA C 200 -10.70 9.88 -4.50
CA ALA C 200 -11.73 10.90 -4.39
C ALA C 200 -12.67 10.55 -3.24
N GLN C 201 -12.89 9.26 -3.03
CA GLN C 201 -13.71 8.82 -1.91
C GLN C 201 -13.00 9.00 -0.57
N ARG C 202 -11.70 8.73 -0.54
CA ARG C 202 -10.89 8.97 0.66
CA ARG C 202 -10.88 8.97 0.65
C ARG C 202 -10.97 10.44 1.05
N VAL C 203 -10.90 11.32 0.06
CA VAL C 203 -10.97 12.77 0.27
C VAL C 203 -12.36 13.21 0.77
N GLU C 204 -13.39 12.69 0.15
CA GLU C 204 -14.77 12.97 0.55
C GLU C 204 -15.01 12.56 2.01
N TYR C 205 -14.58 11.35 2.37
CA TYR C 205 -14.74 10.83 3.71
C TYR C 205 -14.08 11.78 4.74
N LEU C 206 -12.81 12.09 4.53
CA LEU C 206 -12.08 12.97 5.44
C LEU C 206 -12.75 14.35 5.56
N LEU C 207 -13.23 14.91 4.45
CA LEU C 207 -13.92 16.21 4.51
C LEU C 207 -15.24 16.14 5.29
N LYS C 208 -16.03 15.09 5.08
CA LYS C 208 -17.31 14.94 5.78
C LYS C 208 -16.95 14.87 7.27
N ALA C 209 -16.00 13.98 7.57
CA ALA C 209 -15.48 13.84 8.94
C ALA C 209 -15.12 15.18 9.52
N TRP C 210 -14.30 15.93 8.79
CA TRP C 210 -13.79 17.22 9.27
C TRP C 210 -14.91 18.25 9.53
N ALA C 211 -15.92 18.29 8.68
CA ALA C 211 -16.95 19.32 8.76
C ALA C 211 -18.00 18.99 9.82
N GLU C 212 -18.10 17.72 10.17
CA GLU C 212 -19.07 17.28 11.16
C GLU C 212 -18.70 17.73 12.57
N LYS C 213 -17.42 18.01 12.81
CA LYS C 213 -16.99 18.46 14.14
C LYS C 213 -17.31 19.95 14.35
N LYS C 214 -17.74 20.30 15.57
CA LYS C 214 -17.92 21.70 15.94
C LYS C 214 -16.56 22.41 15.83
N ASP C 215 -15.49 21.76 16.28
CA ASP C 215 -14.15 22.37 16.30
C ASP C 215 -13.06 21.27 16.12
N PRO C 216 -12.77 20.86 14.87
CA PRO C 216 -12.07 19.60 14.60
C PRO C 216 -10.61 19.60 14.92
N MET C 217 -10.06 18.44 15.26
CA MET C 217 -8.62 18.24 15.38
C MET C 217 -8.23 16.90 14.76
N GLY C 218 -7.13 16.90 14.03
CA GLY C 218 -6.71 15.71 13.31
C GLY C 218 -5.29 15.35 13.66
N PHE C 219 -4.98 14.06 13.57
CA PHE C 219 -3.61 13.60 13.64
C PHE C 219 -3.49 12.24 12.94
N SER C 220 -2.25 11.87 12.63
CA SER C 220 -1.94 10.60 12.04
C SER C 220 -1.02 9.78 12.94
N TYR C 221 -1.00 8.46 12.78
CA TYR C 221 -0.11 7.58 13.56
C TYR C 221 0.41 6.42 12.70
N ASP C 222 1.65 6.05 12.94
CA ASP C 222 2.29 4.94 12.24
C ASP C 222 3.19 4.23 13.25
N THR C 223 3.20 2.92 13.19
CA THR C 223 3.92 2.17 14.19
C THR C 223 5.30 1.82 13.62
N ARG C 224 6.32 1.97 14.45
CA ARG C 224 7.70 1.68 14.05
C ARG C 224 7.94 0.18 13.92
N HIS C 225 8.27 -0.29 12.71
CA HIS C 225 8.56 -1.70 12.45
C HIS C 225 7.38 -2.61 12.88
N PHE C 226 6.19 -2.29 12.38
CA PHE C 226 4.96 -2.84 12.97
C PHE C 226 4.98 -4.34 13.09
N ASP C 227 5.32 -5.04 12.02
CA ASP C 227 5.28 -6.50 12.08
C ASP C 227 6.15 -7.10 13.19
N SER C 228 7.30 -6.49 13.48
CA SER C 228 8.14 -6.97 14.59
C SER C 228 7.58 -6.60 15.97
N THR C 229 6.62 -5.68 16.03
CA THR C 229 5.98 -5.33 17.31
C THR C 229 4.76 -6.17 17.61
N VAL C 230 4.35 -7.02 16.68
CA VAL C 230 3.17 -7.87 16.86
C VAL C 230 3.55 -9.09 17.69
N THR C 231 2.83 -9.28 18.79
CA THR C 231 3.13 -10.38 19.72
C THR C 231 2.34 -11.66 19.48
N GLU C 232 2.98 -12.78 19.82
CA GLU C 232 2.29 -14.08 19.94
C GLU C 232 0.87 -13.91 20.46
N ARG C 233 0.70 -13.17 21.54
CA ARG C 233 -0.65 -12.95 22.06
C ARG C 233 -1.54 -12.23 21.04
N ASP C 234 -1.04 -11.15 20.47
CA ASP C 234 -1.74 -10.44 19.39
C ASP C 234 -2.22 -11.36 18.29
N ILE C 235 -1.33 -12.28 17.89
CA ILE C 235 -1.61 -13.22 16.81
C ILE C 235 -2.67 -14.23 17.18
N ARG C 236 -2.59 -14.77 18.40
CA ARG C 236 -3.63 -15.68 18.91
C ARG C 236 -4.96 -14.94 19.05
N THR C 237 -4.88 -13.67 19.44
CA THR C 237 -6.08 -12.84 19.52
C THR C 237 -6.65 -12.57 18.13
N GLU C 238 -5.79 -12.57 17.10
CA GLU C 238 -6.32 -12.49 15.75
C GLU C 238 -7.16 -13.76 15.43
N GLU C 239 -6.61 -14.93 15.78
CA GLU C 239 -7.34 -16.19 15.59
C GLU C 239 -8.73 -16.13 16.17
N SER C 240 -8.84 -15.63 17.39
CA SER C 240 -10.14 -15.62 18.05
C SER C 240 -11.08 -14.71 17.31
N ILE C 241 -10.54 -13.65 16.68
CA ILE C 241 -11.42 -12.74 15.99
C ILE C 241 -11.96 -13.44 14.76
N TYR C 242 -11.09 -14.22 14.11
CA TYR C 242 -11.50 -15.03 12.96
C TYR C 242 -12.55 -16.05 13.41
N GLN C 243 -12.24 -16.74 14.51
CA GLN C 243 -13.13 -17.77 15.05
C GLN C 243 -14.52 -17.29 15.44
N ALA C 244 -14.69 -16.01 15.72
CA ALA C 244 -16.01 -15.50 16.09
C ALA C 244 -17.02 -15.40 14.94
N CYS C 245 -16.61 -15.70 13.72
CA CYS C 245 -17.56 -15.76 12.59
C CYS C 245 -18.13 -17.17 12.58
N SER C 246 -19.24 -17.37 11.89
CA SER C 246 -19.78 -18.75 11.72
C SER C 246 -19.07 -19.41 10.54
N LEU C 247 -18.36 -20.49 10.85
CA LEU C 247 -17.46 -21.18 9.93
C LEU C 247 -17.66 -22.69 9.98
N PRO C 248 -17.51 -23.37 8.83
CA PRO C 248 -17.49 -24.82 8.89
C PRO C 248 -16.37 -25.35 9.79
N GLU C 249 -16.61 -26.48 10.42
CA GLU C 249 -15.72 -26.98 11.44
C GLU C 249 -14.32 -27.13 10.84
N GLU C 250 -14.26 -27.54 9.58
CA GLU C 250 -12.98 -27.85 8.94
C GLU C 250 -12.06 -26.62 8.81
N ALA C 251 -12.68 -25.46 8.60
CA ALA C 251 -11.98 -24.16 8.63
C ALA C 251 -11.29 -23.89 9.98
N ARG C 252 -12.07 -24.08 11.05
CA ARG C 252 -11.61 -23.78 12.40
C ARG C 252 -10.32 -24.51 12.74
N THR C 253 -10.26 -25.78 12.34
CA THR C 253 -9.13 -26.63 12.63
C THR C 253 -7.91 -26.15 11.87
N ALA C 254 -8.14 -25.87 10.59
CA ALA C 254 -7.10 -25.37 9.69
C ALA C 254 -6.58 -23.99 10.12
N ILE C 255 -7.52 -23.12 10.46
CA ILE C 255 -7.21 -21.79 10.95
C ILE C 255 -6.37 -21.91 12.22
N HIS C 256 -6.92 -22.61 13.21
CA HIS C 256 -6.19 -22.84 14.45
C HIS C 256 -4.80 -23.44 14.19
N SER C 257 -4.71 -24.41 13.29
CA SER C 257 -3.43 -25.10 13.03
C SER C 257 -2.40 -24.17 12.32
N LEU C 258 -2.90 -23.34 11.40
CA LEU C 258 -2.06 -22.37 10.73
C LEU C 258 -1.51 -21.34 11.72
N THR C 259 -2.38 -20.91 12.64
CA THR C 259 -1.96 -20.00 13.71
C THR C 259 -0.79 -20.54 14.53
N GLU C 260 -0.91 -21.75 15.06
CA GLU C 260 0.12 -22.27 15.97
C GLU C 260 1.36 -22.74 15.23
N ARG C 261 1.21 -23.16 13.99
CA ARG C 261 2.35 -23.71 13.24
C ARG C 261 3.06 -22.70 12.35
N LEU C 262 2.35 -21.63 11.99
CA LEU C 262 2.86 -20.62 11.05
C LEU C 262 2.81 -19.21 11.64
N TYR C 263 1.61 -18.73 11.95
CA TYR C 263 1.42 -17.32 12.22
C TYR C 263 2.10 -16.78 13.48
N VAL C 264 1.97 -17.47 14.62
CA VAL C 264 2.61 -17.03 15.89
C VAL C 264 4.12 -17.17 15.91
N GLY C 265 4.69 -17.95 14.99
CA GLY C 265 6.15 -17.99 14.92
C GLY C 265 6.68 -19.19 14.17
N GLY C 266 8.00 -19.31 14.14
CA GLY C 266 8.65 -20.43 13.47
C GLY C 266 10.07 -20.17 12.98
N PRO C 267 10.76 -21.24 12.55
CA PRO C 267 12.11 -21.12 12.04
C PRO C 267 12.13 -20.57 10.63
N MET C 268 13.27 -19.97 10.28
CA MET C 268 13.46 -19.23 9.03
C MET C 268 14.72 -19.77 8.35
N PHE C 269 14.59 -20.03 7.06
CA PHE C 269 15.71 -20.53 6.28
C PHE C 269 16.06 -19.54 5.19
N ASN C 270 17.34 -19.27 4.99
CA ASN C 270 17.74 -18.40 3.91
C ASN C 270 17.66 -19.16 2.60
N SER C 271 17.83 -18.45 1.50
CA SER C 271 17.64 -19.05 0.18
C SER C 271 18.62 -20.19 -0.13
N LYS C 272 19.75 -20.22 0.57
CA LYS C 272 20.76 -21.28 0.41
C LYS C 272 20.37 -22.55 1.19
N GLY C 273 19.33 -22.49 2.02
CA GLY C 273 18.83 -23.68 2.72
C GLY C 273 19.14 -23.73 4.21
N GLN C 274 20.06 -22.88 4.66
CA GLN C 274 20.55 -22.92 6.04
C GLN C 274 19.55 -22.42 7.05
N THR C 275 19.68 -22.87 8.30
CA THR C 275 18.85 -22.35 9.39
C THR C 275 19.32 -20.92 9.67
N CYS C 276 18.40 -19.96 9.69
CA CYS C 276 18.76 -18.53 9.79
C CYS C 276 18.37 -17.86 11.10
N GLY C 277 17.19 -18.19 11.64
CA GLY C 277 16.75 -17.60 12.90
C GLY C 277 15.38 -18.11 13.28
N TYR C 278 14.81 -17.65 14.39
CA TYR C 278 13.45 -18.03 14.78
C TYR C 278 12.69 -16.75 15.02
N ARG C 279 11.38 -16.81 14.79
CA ARG C 279 10.53 -15.63 14.74
C ARG C 279 9.34 -15.77 15.68
N ARG C 280 9.13 -14.79 16.55
CA ARG C 280 7.96 -14.81 17.44
C ARG C 280 7.03 -13.62 17.19
N CYS C 281 7.16 -13.03 16.00
CA CYS C 281 6.29 -11.93 15.50
C CYS C 281 5.68 -12.23 14.12
N ARG C 282 4.85 -11.31 13.64
CA ARG C 282 4.24 -11.37 12.32
C ARG C 282 5.24 -11.67 11.23
N ALA C 283 4.88 -12.61 10.37
CA ALA C 283 5.61 -12.86 9.15
C ALA C 283 4.86 -12.17 8.02
N SER C 284 5.54 -11.25 7.36
CA SER C 284 4.96 -10.48 6.29
C SER C 284 5.23 -11.25 5.03
N GLY C 285 4.17 -11.79 4.44
CA GLY C 285 4.30 -12.85 3.43
C GLY C 285 3.22 -13.93 3.53
N VAL C 286 2.48 -13.92 4.62
CA VAL C 286 1.39 -14.86 4.82
C VAL C 286 0.07 -14.16 4.46
N LEU C 287 -0.94 -14.95 4.15
CA LEU C 287 -2.22 -14.41 3.70
C LEU C 287 -2.78 -13.35 4.65
N THR C 288 -2.66 -13.60 5.95
CA THR C 288 -3.34 -12.78 6.97
C THR C 288 -2.62 -11.46 7.29
N THR C 289 -1.56 -11.16 6.56
CA THR C 289 -0.76 -9.97 6.81
C THR C 289 -1.57 -8.65 6.77
N SER C 290 -2.24 -8.35 5.67
CA SER C 290 -2.97 -7.07 5.58
C SER C 290 -4.14 -6.98 6.55
N MET C 291 -4.92 -8.06 6.62
CA MET C 291 -6.10 -8.17 7.49
C MET C 291 -5.65 -8.06 8.95
N GLY C 292 -4.68 -8.86 9.32
CA GLY C 292 -4.14 -8.84 10.68
C GLY C 292 -3.69 -7.45 11.09
N ASN C 293 -2.77 -6.87 10.32
CA ASN C 293 -2.26 -5.53 10.59
C ASN C 293 -3.39 -4.53 10.76
N THR C 294 -4.29 -4.51 9.79
CA THR C 294 -5.42 -3.59 9.81
C THR C 294 -6.29 -3.80 11.07
N ILE C 295 -6.56 -5.04 11.43
CA ILE C 295 -7.47 -5.30 12.55
C ILE C 295 -6.76 -5.06 13.89
N THR C 296 -5.57 -5.61 14.04
CA THR C 296 -4.85 -5.45 15.28
C THR C 296 -4.52 -3.98 15.52
N CYS C 297 -4.26 -3.25 14.44
CA CYS C 297 -4.06 -1.82 14.54
C CYS C 297 -5.33 -1.11 15.01
N TYR C 298 -6.46 -1.48 14.43
CA TYR C 298 -7.73 -0.87 14.80
C TYR C 298 -8.08 -1.05 16.29
N VAL C 299 -7.75 -2.21 16.83
CA VAL C 299 -8.12 -2.53 18.20
C VAL C 299 -7.29 -1.64 19.10
N LYS C 300 -5.98 -1.84 19.02
CA LYS C 300 -5.05 -1.04 19.80
C LYS C 300 -5.42 0.48 19.71
N ALA C 301 -5.61 0.99 18.48
CA ALA C 301 -5.83 2.41 18.24
C ALA C 301 -7.10 2.91 18.87
N LEU C 302 -8.17 2.14 18.73
CA LEU C 302 -9.45 2.53 19.30
C LEU C 302 -9.41 2.45 20.83
N ALA C 303 -8.66 1.49 21.35
CA ALA C 303 -8.42 1.45 22.78
C ALA C 303 -7.69 2.70 23.21
N ALA C 304 -6.59 2.99 22.54
CA ALA C 304 -5.75 4.12 22.92
C ALA C 304 -6.53 5.44 22.85
N CYS C 305 -7.39 5.59 21.85
CA CYS C 305 -8.33 6.72 21.80
C CYS C 305 -9.15 6.83 23.09
N LYS C 306 -9.66 5.70 23.56
CA LYS C 306 -10.39 5.64 24.82
C LYS C 306 -9.48 5.95 26.02
N ALA C 307 -8.34 5.27 26.08
CA ALA C 307 -7.28 5.57 27.07
C ALA C 307 -6.93 7.07 27.19
N ALA C 308 -7.01 7.81 26.09
CA ALA C 308 -6.50 9.19 26.03
C ALA C 308 -7.61 10.22 25.99
N GLY C 309 -8.86 9.80 25.96
CA GLY C 309 -9.96 10.77 25.95
C GLY C 309 -10.21 11.50 24.63
N ILE C 310 -9.87 10.87 23.50
CA ILE C 310 -10.18 11.44 22.21
C ILE C 310 -11.70 11.46 22.05
N VAL C 311 -12.26 12.65 21.87
CA VAL C 311 -13.70 12.84 21.84
C VAL C 311 -14.24 12.72 20.43
N ALA C 312 -15.24 11.87 20.28
CA ALA C 312 -15.94 11.70 19.02
C ALA C 312 -14.96 11.45 17.85
N PRO C 313 -14.13 10.42 17.97
CA PRO C 313 -13.18 10.07 16.92
C PRO C 313 -13.82 9.53 15.65
N THR C 314 -13.27 9.91 14.50
CA THR C 314 -13.52 9.25 13.24
C THR C 314 -12.17 8.76 12.69
N MET C 315 -12.07 7.46 12.44
CA MET C 315 -10.81 6.83 12.04
C MET C 315 -10.78 6.43 10.59
N LEU C 316 -9.54 6.33 10.09
CA LEU C 316 -9.30 5.74 8.79
C LEU C 316 -8.08 4.87 8.95
N VAL C 317 -8.26 3.57 8.79
CA VAL C 317 -7.16 2.62 9.01
C VAL C 317 -6.72 1.95 7.72
N CYS C 318 -5.42 2.03 7.50
CA CYS C 318 -4.80 1.75 6.21
C CYS C 318 -3.59 0.93 6.59
N GLY C 319 -3.80 -0.33 6.97
CA GLY C 319 -2.71 -1.13 7.49
C GLY C 319 -2.34 -0.63 8.86
N ASP C 320 -1.05 -0.34 9.07
CA ASP C 320 -0.57 0.27 10.34
C ASP C 320 -0.55 1.81 10.33
N ASP C 321 -1.03 2.41 9.24
CA ASP C 321 -1.16 3.86 9.15
C ASP C 321 -2.57 4.18 9.57
N LEU C 322 -2.75 5.37 10.14
CA LEU C 322 -3.97 5.71 10.84
C LEU C 322 -4.16 7.21 10.85
N ILE C 323 -5.39 7.68 10.65
CA ILE C 323 -5.77 9.08 10.87
C ILE C 323 -6.98 9.14 11.81
N VAL C 324 -6.98 10.10 12.73
CA VAL C 324 -8.12 10.30 13.61
C VAL C 324 -8.57 11.75 13.63
N ILE C 325 -9.83 11.98 13.30
CA ILE C 325 -10.39 13.32 13.30
C ILE C 325 -11.43 13.38 14.41
N SER C 326 -11.14 14.22 15.40
CA SER C 326 -11.83 14.25 16.70
C SER C 326 -12.23 15.67 17.00
N GLU C 327 -13.08 15.84 18.02
CA GLU C 327 -13.42 17.18 18.53
C GLU C 327 -12.27 17.66 19.38
N SER C 328 -11.73 18.82 19.05
CA SER C 328 -10.60 19.39 19.80
C SER C 328 -11.02 19.72 21.23
N GLN C 329 -10.08 19.62 22.17
CA GLN C 329 -10.33 20.08 23.55
C GLN C 329 -9.50 21.32 23.95
N GLY C 330 -9.05 22.09 22.95
CA GLY C 330 -8.09 23.15 23.13
C GLY C 330 -6.69 22.58 22.99
N THR C 331 -5.75 23.39 22.55
CA THR C 331 -4.45 22.84 22.20
C THR C 331 -3.74 22.29 23.44
N GLU C 332 -3.91 22.91 24.60
CA GLU C 332 -3.24 22.43 25.81
C GLU C 332 -3.65 20.97 26.04
N GLU C 333 -4.96 20.72 26.11
CA GLU C 333 -5.42 19.36 26.37
C GLU C 333 -5.05 18.43 25.20
N ASP C 334 -5.31 18.85 23.95
CA ASP C 334 -5.00 18.03 22.76
C ASP C 334 -3.55 17.53 22.77
N GLU C 335 -2.59 18.37 23.16
CA GLU C 335 -1.20 17.94 23.16
C GLU C 335 -1.02 16.84 24.18
N ARG C 336 -1.64 17.02 25.35
CA ARG C 336 -1.57 16.06 26.44
C ARG C 336 -2.15 14.71 26.02
N ASN C 337 -3.37 14.75 25.51
CA ASN C 337 -4.05 13.56 25.00
C ASN C 337 -3.24 12.73 23.98
N LEU C 338 -2.60 13.37 23.02
CA LEU C 338 -1.72 12.64 22.11
C LEU C 338 -0.52 11.98 22.80
N ARG C 339 0.09 12.66 23.76
CA ARG C 339 1.13 11.98 24.51
C ARG C 339 0.54 10.71 25.16
N ALA C 340 -0.68 10.82 25.68
CA ALA C 340 -1.35 9.70 26.31
C ALA C 340 -1.64 8.54 25.34
N PHE C 341 -2.17 8.91 24.17
CA PHE C 341 -2.38 7.99 23.06
C PHE C 341 -1.11 7.20 22.79
N THR C 342 -0.02 7.91 22.55
CA THR C 342 1.25 7.28 22.28
C THR C 342 1.68 6.42 23.46
N GLU C 343 1.42 6.91 24.67
CA GLU C 343 1.76 6.15 25.86
C GLU C 343 1.02 4.81 25.87
N ALA C 344 -0.28 4.86 25.65
CA ALA C 344 -1.10 3.65 25.56
C ALA C 344 -0.66 2.71 24.42
N MET C 345 -0.54 3.26 23.22
CA MET C 345 -0.11 2.46 22.10
C MET C 345 1.22 1.78 22.42
N THR C 346 2.11 2.50 23.10
CA THR C 346 3.41 1.92 23.45
C THR C 346 3.25 0.77 24.45
N ARG C 347 2.27 0.89 25.34
CA ARG C 347 1.96 -0.18 26.30
C ARG C 347 1.39 -1.37 25.57
N TYR C 348 0.59 -1.11 24.54
CA TYR C 348 0.01 -2.20 23.74
C TYR C 348 1.00 -2.84 22.77
N SER C 349 2.27 -2.47 22.84
CA SER C 349 3.26 -2.87 21.85
C SER C 349 2.96 -2.42 20.42
N ALA C 350 2.75 -1.11 20.28
CA ALA C 350 2.74 -0.45 18.99
C ALA C 350 3.40 0.95 19.13
N PRO C 351 4.72 0.98 19.39
CA PRO C 351 5.38 2.26 19.57
C PRO C 351 5.44 3.05 18.26
N PRO C 352 5.52 4.38 18.34
CA PRO C 352 5.50 5.27 17.17
C PRO C 352 6.86 5.37 16.47
N GLY C 353 6.82 5.68 15.18
CA GLY C 353 8.04 6.06 14.43
C GLY C 353 8.37 7.50 14.76
N ASP C 354 7.47 8.40 14.39
CA ASP C 354 7.54 9.79 14.78
C ASP C 354 6.42 10.07 15.76
N PRO C 355 6.69 10.86 16.81
CA PRO C 355 5.57 11.14 17.69
C PRO C 355 4.49 11.90 16.94
N PRO C 356 3.22 11.58 17.20
CA PRO C 356 2.14 12.30 16.54
C PRO C 356 1.99 13.70 17.09
N ARG C 357 1.26 14.54 16.36
CA ARG C 357 1.08 15.94 16.70
C ARG C 357 -0.31 16.43 16.31
N PRO C 358 -0.93 17.28 17.15
CA PRO C 358 -2.25 17.76 16.75
C PRO C 358 -2.20 18.79 15.64
N GLU C 359 -3.13 18.68 14.71
CA GLU C 359 -3.24 19.61 13.62
C GLU C 359 -4.66 20.11 13.47
N TYR C 360 -4.77 21.30 12.90
CA TYR C 360 -6.08 21.96 12.75
C TYR C 360 -6.29 22.46 11.32
N ASP C 361 -5.54 21.86 10.40
CA ASP C 361 -5.64 22.15 9.00
C ASP C 361 -5.42 20.82 8.27
N LEU C 362 -6.37 20.47 7.41
CA LEU C 362 -6.41 19.15 6.81
C LEU C 362 -5.21 18.88 5.91
N GLU C 363 -4.62 19.91 5.31
CA GLU C 363 -3.46 19.72 4.39
C GLU C 363 -2.20 19.20 5.09
N LEU C 364 -2.12 19.33 6.41
CA LEU C 364 -0.89 19.04 7.13
C LEU C 364 -0.85 17.65 7.75
N ILE C 365 -1.90 16.87 7.56
CA ILE C 365 -1.93 15.49 8.01
C ILE C 365 -1.61 14.54 6.87
N THR C 366 -0.58 13.73 7.03
CA THR C 366 -0.15 12.77 5.99
C THR C 366 -0.32 11.33 6.47
N SER C 367 -1.09 10.52 5.72
CA SER C 367 -1.28 9.10 6.06
C SER C 367 -1.40 8.25 4.83
N CYS C 368 -0.90 7.03 4.92
CA CYS C 368 -0.95 6.09 3.80
C CYS C 368 -0.17 6.75 2.64
N SER C 369 0.92 7.43 3.02
CA SER C 369 1.81 8.15 2.10
C SER C 369 1.20 9.34 1.34
N SER C 370 -0.04 9.71 1.63
CA SER C 370 -0.70 10.74 0.86
C SER C 370 -1.40 11.80 1.75
N ASN C 371 -1.83 12.90 1.13
CA ASN C 371 -2.56 13.95 1.83
C ASN C 371 -3.52 14.74 0.93
N VAL C 372 -4.56 15.29 1.55
CA VAL C 372 -5.51 16.10 0.85
C VAL C 372 -4.91 17.48 0.67
N SER C 373 -5.07 18.04 -0.52
CA SER C 373 -4.71 19.42 -0.74
C SER C 373 -5.86 20.09 -1.45
N VAL C 374 -5.68 21.35 -1.81
CA VAL C 374 -6.76 22.13 -2.44
C VAL C 374 -6.30 23.01 -3.61
N ALA C 375 -7.19 23.16 -4.60
CA ALA C 375 -7.02 24.13 -5.69
C ALA C 375 -8.37 24.64 -6.17
N LEU C 376 -8.31 25.62 -7.08
CA LEU C 376 -9.49 26.20 -7.73
C LEU C 376 -9.88 25.42 -8.98
N GLY C 377 -11.18 25.27 -9.19
CA GLY C 377 -11.70 24.59 -10.38
C GLY C 377 -11.98 25.57 -11.51
N PRO C 378 -12.58 25.07 -12.62
CA PRO C 378 -12.85 25.89 -13.80
C PRO C 378 -13.78 27.04 -13.50
N ARG C 379 -14.76 26.83 -12.62
CA ARG C 379 -15.76 27.86 -12.29
C ARG C 379 -15.38 28.77 -11.08
N GLY C 380 -14.16 28.61 -10.55
CA GLY C 380 -13.69 29.45 -9.42
C GLY C 380 -13.88 28.85 -8.03
N ARG C 381 -14.61 27.73 -7.94
CA ARG C 381 -14.93 27.07 -6.67
C ARG C 381 -13.73 26.24 -6.13
N ARG C 382 -13.66 26.04 -4.81
CA ARG C 382 -12.65 25.18 -4.19
C ARG C 382 -12.80 23.72 -4.54
N ARG C 383 -11.68 23.05 -4.80
CA ARG C 383 -11.67 21.66 -5.22
C ARG C 383 -10.60 20.91 -4.47
N TYR C 384 -11.01 19.90 -3.72
CA TYR C 384 -10.13 19.16 -2.80
C TYR C 384 -9.76 17.85 -3.48
N TYR C 385 -8.51 17.42 -3.34
CA TYR C 385 -8.05 16.22 -4.05
C TYR C 385 -6.87 15.58 -3.31
N LEU C 386 -6.51 14.36 -3.69
CA LEU C 386 -5.45 13.63 -3.00
C LEU C 386 -4.14 13.77 -3.76
N THR C 387 -3.02 13.89 -3.02
CA THR C 387 -1.70 14.05 -3.58
C THR C 387 -0.64 13.54 -2.61
N ARG C 388 0.64 13.73 -2.92
CA ARG C 388 1.74 13.21 -2.12
C ARG C 388 3.06 13.80 -2.51
N ASP C 389 4.06 13.67 -1.64
CA ASP C 389 5.43 13.94 -2.05
C ASP C 389 5.76 13.08 -3.27
N PRO C 390 6.15 13.71 -4.39
CA PRO C 390 6.48 12.99 -5.62
C PRO C 390 7.89 12.44 -5.70
N THR C 391 8.73 12.71 -4.69
CA THR C 391 10.11 12.26 -4.68
C THR C 391 10.23 10.77 -5.06
N THR C 392 9.60 9.90 -4.28
CA THR C 392 9.71 8.48 -4.52
C THR C 392 9.03 8.05 -5.86
N PRO C 393 7.86 8.60 -6.19
CA PRO C 393 7.39 8.35 -7.55
C PRO C 393 8.41 8.72 -8.63
N LEU C 394 9.08 9.86 -8.51
CA LEU C 394 10.05 10.25 -9.54
C LEU C 394 11.23 9.29 -9.61
N ALA C 395 11.71 8.86 -8.45
CA ALA C 395 12.80 7.92 -8.39
C ALA C 395 12.45 6.60 -9.09
N ARG C 396 11.23 6.13 -8.90
CA ARG C 396 10.80 4.84 -9.46
C ARG C 396 10.56 4.94 -10.94
N ALA C 397 10.20 6.14 -11.36
CA ALA C 397 10.09 6.46 -12.76
C ALA C 397 11.43 6.38 -13.47
N ALA C 398 12.51 6.27 -12.70
CA ALA C 398 13.86 6.27 -13.24
C ALA C 398 14.55 4.95 -13.05
N TRP C 399 13.79 3.92 -12.73
CA TRP C 399 14.39 2.63 -12.49
C TRP C 399 14.29 1.84 -13.77
N GLU C 400 15.44 1.67 -14.44
CA GLU C 400 15.55 0.88 -15.66
C GLU C 400 16.63 -0.17 -15.51
N THR C 401 16.32 -1.40 -15.85
CA THR C 401 17.34 -2.45 -15.90
C THR C 401 17.05 -3.31 -17.10
N VAL C 402 17.90 -4.30 -17.31
CA VAL C 402 17.68 -5.29 -18.37
C VAL C 402 16.33 -5.99 -18.16
N ARG C 403 15.99 -6.27 -16.90
CA ARG C 403 14.76 -6.98 -16.56
C ARG C 403 13.53 -6.08 -16.33
N HIS C 404 13.71 -4.78 -16.10
CA HIS C 404 12.61 -3.93 -15.57
C HIS C 404 12.41 -2.59 -16.29
N SER C 405 11.15 -2.28 -16.61
CA SER C 405 10.78 -1.05 -17.29
C SER C 405 9.93 -0.14 -16.40
N PRO C 406 10.18 1.18 -16.45
CA PRO C 406 9.48 2.08 -15.54
C PRO C 406 8.13 2.60 -16.05
N ILE C 407 7.77 2.26 -17.28
CA ILE C 407 6.54 2.79 -17.90
C ILE C 407 5.31 2.40 -17.08
N ASN C 408 5.34 1.20 -16.51
CA ASN C 408 4.27 0.76 -15.64
C ASN C 408 4.09 1.69 -14.43
N SER C 409 5.18 1.97 -13.74
CA SER C 409 5.14 2.91 -12.62
C SER C 409 4.54 4.25 -13.04
N TRP C 410 5.00 4.81 -14.17
CA TRP C 410 4.45 6.08 -14.65
C TRP C 410 2.92 6.03 -14.74
N LEU C 411 2.40 4.98 -15.38
CA LEU C 411 0.97 4.81 -15.54
C LEU C 411 0.23 4.79 -14.21
N GLY C 412 0.68 3.92 -13.30
CA GLY C 412 0.13 3.84 -11.95
C GLY C 412 -0.07 5.19 -11.29
N ASN C 413 0.95 6.03 -11.36
CA ASN C 413 0.88 7.36 -10.75
C ASN C 413 -0.06 8.31 -11.51
N ILE C 414 -0.03 8.24 -12.84
CA ILE C 414 -0.90 9.10 -13.64
C ILE C 414 -2.36 8.84 -13.26
N ILE C 415 -2.71 7.57 -13.08
CA ILE C 415 -4.08 7.20 -12.75
C ILE C 415 -4.45 7.60 -11.32
N GLN C 416 -3.63 7.20 -10.34
CA GLN C 416 -3.91 7.50 -8.95
C GLN C 416 -3.89 9.00 -8.63
N TYR C 417 -2.98 9.73 -9.24
CA TYR C 417 -2.77 11.13 -8.87
C TYR C 417 -3.00 12.10 -10.03
N ALA C 418 -3.93 11.74 -10.90
CA ALA C 418 -4.23 12.52 -12.11
C ALA C 418 -4.49 14.01 -11.87
N PRO C 419 -5.17 14.37 -10.78
CA PRO C 419 -5.41 15.80 -10.56
C PRO C 419 -4.19 16.60 -10.06
N THR C 420 -3.09 15.94 -9.75
CA THR C 420 -1.93 16.61 -9.16
C THR C 420 -1.14 17.44 -10.17
N ILE C 421 -0.65 18.60 -9.74
CA ILE C 421 0.15 19.44 -10.61
C ILE C 421 1.37 18.68 -11.14
N TRP C 422 2.00 17.84 -10.33
CA TRP C 422 3.17 17.04 -10.77
C TRP C 422 2.84 15.93 -11.77
N VAL C 423 1.63 15.38 -11.73
CA VAL C 423 1.26 14.37 -12.72
C VAL C 423 0.96 15.08 -14.04
N ARG C 424 0.28 16.21 -13.97
CA ARG C 424 -0.22 16.84 -15.17
C ARG C 424 0.93 17.45 -15.96
N MET C 425 1.73 18.26 -15.28
CA MET C 425 2.86 18.94 -15.91
C MET C 425 4.07 18.02 -16.22
N VAL C 426 4.48 17.16 -15.28
CA VAL C 426 5.68 16.34 -15.48
C VAL C 426 5.41 14.93 -16.03
N LEU C 427 4.71 14.08 -15.29
CA LEU C 427 4.56 12.69 -15.69
C LEU C 427 3.73 12.47 -16.96
N MET C 428 2.59 13.11 -17.08
CA MET C 428 1.77 12.97 -18.29
C MET C 428 2.55 13.40 -19.53
N THR C 429 3.24 14.54 -19.43
CA THR C 429 4.08 15.06 -20.51
C THR C 429 5.20 14.10 -20.94
N HIS C 430 5.87 13.48 -19.97
CA HIS C 430 6.94 12.54 -20.25
C HIS C 430 6.39 11.23 -20.79
N PHE C 431 5.28 10.80 -20.22
CA PHE C 431 4.63 9.56 -20.61
C PHE C 431 4.26 9.66 -22.09
N PHE C 432 3.44 10.63 -22.44
CA PHE C 432 2.94 10.71 -23.80
C PHE C 432 4.07 10.94 -24.77
N SER C 433 5.03 11.79 -24.42
CA SER C 433 6.15 12.01 -25.31
C SER C 433 6.90 10.71 -25.65
N ILE C 434 7.25 9.90 -24.66
CA ILE C 434 7.98 8.65 -24.91
C ILE C 434 7.21 7.71 -25.84
N LEU C 435 5.92 7.57 -25.59
CA LEU C 435 5.12 6.60 -26.33
C LEU C 435 4.91 7.05 -27.78
N MET C 436 4.63 8.32 -27.99
CA MET C 436 4.55 8.83 -29.36
C MET C 436 5.81 8.44 -30.16
N VAL C 437 6.97 8.74 -29.59
CA VAL C 437 8.24 8.55 -30.28
C VAL C 437 8.59 7.07 -30.48
N GLN C 438 8.27 6.22 -29.50
CA GLN C 438 8.32 4.76 -29.68
C GLN C 438 7.23 4.26 -30.67
N ASP C 439 6.30 5.14 -31.06
CA ASP C 439 5.06 4.76 -31.78
C ASP C 439 4.28 3.60 -31.12
N THR C 440 4.06 3.69 -29.80
CA THR C 440 3.35 2.66 -29.03
C THR C 440 2.22 3.24 -28.20
N LEU C 441 1.60 4.29 -28.72
CA LEU C 441 0.48 4.97 -28.05
C LEU C 441 -0.77 4.14 -27.91
N ASP C 442 -1.08 3.33 -28.93
CA ASP C 442 -2.27 2.49 -28.95
C ASP C 442 -1.89 1.07 -28.58
N GLN C 443 -1.11 0.89 -27.52
CA GLN C 443 -0.70 -0.44 -27.09
C GLN C 443 -0.86 -0.58 -25.58
N ASN C 444 -1.52 -1.64 -25.15
CA ASN C 444 -1.85 -1.79 -23.75
C ASN C 444 -0.66 -2.00 -22.84
N LEU C 445 -0.79 -1.44 -21.65
CA LEU C 445 0.11 -1.67 -20.54
C LEU C 445 -0.77 -2.24 -19.47
N ASN C 446 -0.19 -2.60 -18.32
CA ASN C 446 -1.02 -3.06 -17.20
C ASN C 446 -0.67 -2.41 -15.86
N PHE C 447 -1.70 -1.86 -15.20
CA PHE C 447 -1.55 -1.03 -13.99
C PHE C 447 -2.02 -1.81 -12.76
N GLU C 448 -1.21 -1.79 -11.69
CA GLU C 448 -1.52 -2.49 -10.42
C GLU C 448 -1.49 -1.56 -9.19
N MET C 449 -2.65 -1.37 -8.53
CA MET C 449 -2.75 -0.59 -7.30
C MET C 449 -3.39 -1.46 -6.22
N TYR C 450 -2.60 -1.77 -5.18
CA TYR C 450 -3.07 -2.57 -4.03
C TYR C 450 -3.55 -4.01 -4.34
N GLY C 451 -2.68 -4.85 -4.90
CA GLY C 451 -2.97 -6.29 -5.06
C GLY C 451 -2.89 -6.87 -6.47
N SER C 452 -3.94 -6.64 -7.28
CA SER C 452 -4.05 -7.22 -8.63
C SER C 452 -3.54 -6.25 -9.74
N VAL C 453 -3.70 -6.68 -10.99
CA VAL C 453 -3.16 -5.97 -12.17
C VAL C 453 -4.22 -5.90 -13.29
N TYR C 454 -4.61 -4.68 -13.68
CA TYR C 454 -5.58 -4.49 -14.78
C TYR C 454 -4.95 -3.81 -15.99
N SER C 455 -5.30 -4.28 -17.19
CA SER C 455 -4.74 -3.80 -18.46
C SER C 455 -5.35 -2.46 -18.91
N VAL C 456 -4.52 -1.51 -19.33
CA VAL C 456 -4.99 -0.18 -19.73
C VAL C 456 -4.41 0.30 -21.06
N ASN C 457 -5.24 0.98 -21.85
CA ASN C 457 -4.78 1.59 -23.09
C ASN C 457 -4.55 3.08 -22.92
N PRO C 458 -3.31 3.53 -23.21
CA PRO C 458 -2.97 4.92 -22.97
C PRO C 458 -3.97 5.88 -23.54
N LEU C 459 -4.61 5.52 -24.66
CA LEU C 459 -5.53 6.44 -25.31
C LEU C 459 -6.87 6.58 -24.60
N ASP C 460 -7.12 5.76 -23.58
CA ASP C 460 -8.34 5.82 -22.77
C ASP C 460 -8.19 6.61 -21.49
N LEU C 461 -7.05 7.28 -21.30
CA LEU C 461 -6.83 7.95 -20.02
C LEU C 461 -7.89 9.03 -19.75
N PRO C 462 -8.29 9.78 -20.78
CA PRO C 462 -9.22 10.85 -20.45
C PRO C 462 -10.55 10.36 -19.93
N ALA C 463 -11.01 9.23 -20.44
CA ALA C 463 -12.26 8.67 -19.95
C ALA C 463 -12.10 8.14 -18.53
N ILE C 464 -11.05 7.34 -18.34
CA ILE C 464 -10.72 6.72 -17.06
C ILE C 464 -10.53 7.77 -15.96
N ILE C 465 -9.90 8.88 -16.33
CA ILE C 465 -9.72 9.98 -15.39
C ILE C 465 -11.03 10.71 -15.07
N GLU C 466 -11.91 10.90 -16.06
CA GLU C 466 -13.22 11.49 -15.78
C GLU C 466 -14.01 10.60 -14.85
N ARG C 467 -14.04 9.31 -15.15
CA ARG C 467 -14.80 8.38 -14.33
C ARG C 467 -14.31 8.40 -12.89
N LEU C 468 -13.00 8.48 -12.72
CA LEU C 468 -12.34 8.24 -11.44
C LEU C 468 -12.13 9.49 -10.60
N HIS C 469 -11.81 10.60 -11.25
CA HIS C 469 -11.51 11.85 -10.55
C HIS C 469 -12.41 13.02 -10.90
N GLY C 470 -13.24 12.87 -11.92
CA GLY C 470 -14.09 13.97 -12.37
C GLY C 470 -13.45 14.86 -13.42
N LEU C 471 -14.29 15.59 -14.13
CA LEU C 471 -13.89 16.45 -15.23
C LEU C 471 -13.11 17.68 -14.76
N ASP C 472 -13.20 18.02 -13.48
CA ASP C 472 -12.43 19.15 -12.95
C ASP C 472 -10.96 18.81 -12.92
N ALA C 473 -10.66 17.51 -12.85
CA ALA C 473 -9.29 17.01 -12.88
C ALA C 473 -8.48 17.49 -14.09
N PHE C 474 -9.18 17.94 -15.13
CA PHE C 474 -8.55 18.52 -16.31
C PHE C 474 -8.45 20.03 -16.30
N SER C 475 -9.02 20.69 -15.28
CA SER C 475 -9.23 22.14 -15.32
C SER C 475 -8.73 22.89 -14.08
N MET C 476 -8.06 22.21 -13.17
CA MET C 476 -7.72 22.82 -11.90
C MET C 476 -6.53 23.73 -12.03
N HIS C 477 -6.55 24.81 -11.25
CA HIS C 477 -5.49 25.81 -11.27
C HIS C 477 -5.35 26.44 -9.88
N THR C 478 -4.25 27.14 -9.67
CA THR C 478 -3.99 27.87 -8.42
C THR C 478 -3.81 26.88 -7.29
N TYR C 479 -2.82 26.03 -7.49
CA TYR C 479 -2.41 25.07 -6.48
C TYR C 479 -1.79 25.80 -5.28
N SER C 480 -1.74 25.11 -4.15
CA SER C 480 -1.36 25.69 -2.89
C SER C 480 0.14 25.87 -2.74
N HIS C 481 0.48 26.74 -1.81
CA HIS C 481 1.86 27.00 -1.49
C HIS C 481 2.59 25.74 -1.09
N HIS C 482 2.06 24.93 -0.19
CA HIS C 482 2.74 23.69 0.20
C HIS C 482 3.04 22.85 -1.03
N GLU C 483 2.03 22.68 -1.86
CA GLU C 483 2.11 21.76 -2.97
C GLU C 483 3.07 22.31 -4.04
N LEU C 484 3.02 23.61 -4.32
CA LEU C 484 4.01 24.20 -5.21
C LEU C 484 5.43 24.09 -4.64
N THR C 485 5.61 24.39 -3.35
CA THR C 485 6.94 24.32 -2.77
C THR C 485 7.49 22.90 -2.87
N ARG C 486 6.65 21.91 -2.61
CA ARG C 486 7.14 20.55 -2.52
C ARG C 486 7.52 20.00 -3.89
N VAL C 487 6.74 20.37 -4.90
CA VAL C 487 6.99 19.87 -6.24
C VAL C 487 8.29 20.45 -6.79
N ALA C 488 8.47 21.74 -6.62
CA ALA C 488 9.67 22.40 -7.11
C ALA C 488 10.89 21.79 -6.46
N SER C 489 10.78 21.60 -5.15
CA SER C 489 11.89 21.10 -4.38
C SER C 489 12.28 19.72 -4.86
N ALA C 490 11.29 18.85 -5.05
CA ALA C 490 11.54 17.48 -5.50
C ALA C 490 12.16 17.39 -6.89
N LEU C 491 11.74 18.28 -7.79
CA LEU C 491 12.34 18.34 -9.11
C LEU C 491 13.80 18.81 -9.07
N ARG C 492 14.07 19.84 -8.27
CA ARG C 492 15.42 20.28 -7.99
C ARG C 492 16.30 19.10 -7.47
N LYS C 493 15.76 18.34 -6.51
CA LYS C 493 16.48 17.27 -5.81
C LYS C 493 16.88 16.08 -6.69
N LEU C 494 16.11 15.81 -7.74
CA LEU C 494 16.40 14.72 -8.65
C LEU C 494 17.02 15.19 -9.96
N GLY C 495 17.18 16.50 -10.11
CA GLY C 495 17.86 17.05 -11.27
C GLY C 495 17.00 16.99 -12.50
N ALA C 496 15.70 17.14 -12.29
CA ALA C 496 14.73 17.20 -13.38
C ALA C 496 14.53 18.65 -13.73
N PRO C 497 14.04 18.94 -14.95
CA PRO C 497 13.78 20.30 -15.34
C PRO C 497 12.70 20.90 -14.48
N PRO C 498 12.75 22.22 -14.28
CA PRO C 498 11.72 22.90 -13.51
C PRO C 498 10.42 23.01 -14.31
N LEU C 499 9.38 23.48 -13.65
CA LEU C 499 8.05 23.46 -14.22
C LEU C 499 7.91 24.24 -15.52
N ARG C 500 8.56 25.39 -15.63
CA ARG C 500 8.36 26.21 -16.84
C ARG C 500 8.84 25.45 -18.08
N VAL C 501 9.90 24.67 -17.93
CA VAL C 501 10.37 23.83 -19.03
C VAL C 501 9.31 22.78 -19.39
N TRP C 502 8.63 22.24 -18.38
CA TRP C 502 7.62 21.24 -18.63
C TRP C 502 6.45 21.88 -19.39
N LYS C 503 6.11 23.14 -19.05
CA LYS C 503 5.11 23.89 -19.85
C LYS C 503 5.49 23.85 -21.35
N SER C 504 6.74 24.23 -21.68
CA SER C 504 7.21 24.16 -23.08
C SER C 504 7.02 22.77 -23.67
N ARG C 505 7.61 21.76 -23.05
CA ARG C 505 7.54 20.41 -23.62
C ARG C 505 6.11 19.94 -23.85
N ALA C 506 5.23 20.34 -22.94
CA ALA C 506 3.83 19.94 -23.00
C ALA C 506 3.04 20.56 -24.16
N ARG C 507 3.26 21.85 -24.43
CA ARG C 507 2.68 22.47 -25.61
C ARG C 507 3.01 21.62 -26.81
N ALA C 508 4.27 21.26 -26.95
CA ALA C 508 4.74 20.51 -28.12
C ALA C 508 4.10 19.13 -28.23
N VAL C 509 3.98 18.45 -27.11
CA VAL C 509 3.34 17.14 -27.06
C VAL C 509 1.88 17.26 -27.48
N ARG C 510 1.20 18.27 -26.95
CA ARG C 510 -0.20 18.52 -27.24
C ARG C 510 -0.42 18.64 -28.74
N ALA C 511 0.33 19.53 -29.37
CA ALA C 511 0.28 19.72 -30.81
C ALA C 511 0.39 18.40 -31.58
N SER C 512 1.39 17.60 -31.26
CA SER C 512 1.57 16.29 -31.91
C SER C 512 0.36 15.40 -31.75
N LEU C 513 -0.18 15.35 -30.53
CA LEU C 513 -1.35 14.52 -30.24
C LEU C 513 -2.58 14.97 -31.03
N ILE C 514 -2.73 16.29 -31.17
CA ILE C 514 -3.87 16.88 -31.87
C ILE C 514 -3.76 16.56 -33.38
N SER C 515 -2.56 16.79 -33.92
CA SER C 515 -2.30 16.50 -35.33
C SER C 515 -2.54 15.04 -35.73
N ARG C 516 -2.45 14.10 -34.79
CA ARG C 516 -2.72 12.70 -35.13
C ARG C 516 -4.20 12.40 -35.14
N GLY C 517 -5.02 13.33 -34.63
CA GLY C 517 -6.47 13.13 -34.59
C GLY C 517 -6.91 11.88 -33.84
N GLY C 518 -8.19 11.56 -33.94
CA GLY C 518 -8.73 10.39 -33.26
C GLY C 518 -8.67 10.58 -31.77
N LYS C 519 -8.53 9.47 -31.06
CA LYS C 519 -8.37 9.46 -29.60
C LYS C 519 -7.15 10.25 -29.11
N ALA C 520 -6.01 10.09 -29.81
CA ALA C 520 -4.79 10.85 -29.49
C ALA C 520 -5.10 12.32 -29.29
N ALA C 521 -5.91 12.88 -30.18
CA ALA C 521 -6.24 14.29 -30.09
C ALA C 521 -7.18 14.59 -28.91
N VAL C 522 -8.00 13.63 -28.52
CA VAL C 522 -8.80 13.78 -27.31
C VAL C 522 -7.87 13.86 -26.09
N CYS C 523 -6.84 13.01 -26.08
CA CYS C 523 -5.77 13.08 -25.07
C CYS C 523 -5.13 14.46 -25.12
N GLY C 524 -4.79 14.92 -26.31
CA GLY C 524 -4.19 16.23 -26.48
C GLY C 524 -5.00 17.36 -25.87
N ARG C 525 -6.31 17.37 -26.13
CA ARG C 525 -7.15 18.50 -25.74
C ARG C 525 -7.48 18.50 -24.27
N TYR C 526 -7.80 17.32 -23.74
CA TYR C 526 -8.20 17.15 -22.34
C TYR C 526 -7.01 17.20 -21.38
N LEU C 527 -6.04 16.32 -21.61
CA LEU C 527 -4.91 16.18 -20.71
C LEU C 527 -4.01 17.40 -20.71
N PHE C 528 -3.96 18.15 -21.80
CA PHE C 528 -3.00 19.26 -21.87
C PHE C 528 -3.59 20.67 -22.05
N ASN C 529 -4.89 20.84 -21.71
CA ASN C 529 -5.53 22.16 -21.75
C ASN C 529 -4.91 23.18 -20.78
N TRP C 530 -4.31 22.69 -19.70
CA TRP C 530 -3.54 23.54 -18.80
C TRP C 530 -2.40 24.25 -19.52
N ALA C 531 -1.95 23.70 -20.64
CA ALA C 531 -0.69 24.14 -21.23
C ALA C 531 -0.81 25.26 -22.28
N VAL C 532 -2.04 25.65 -22.63
CA VAL C 532 -2.29 26.69 -23.65
C VAL C 532 -3.10 27.88 -23.11
N LYS C 533 -2.80 29.07 -23.62
CA LYS C 533 -3.44 30.33 -23.18
C LYS C 533 -4.94 30.35 -23.50
N THR C 534 -5.28 29.89 -24.70
CA THR C 534 -6.67 29.89 -25.19
C THR C 534 -7.42 28.61 -24.76
N LYS C 535 -7.63 28.45 -23.45
CA LYS C 535 -8.17 27.20 -22.92
C LYS C 535 -9.52 26.86 -23.61
N LEU C 536 -9.65 25.64 -24.14
CA LEU C 536 -10.92 25.19 -24.78
C LEU C 536 -12.06 24.89 -23.80
N LYS C 537 -13.26 24.63 -24.37
CA LYS C 537 -14.41 24.15 -23.60
C LYS C 537 -14.49 22.60 -23.59
N LEU C 538 -14.12 21.99 -22.48
CA LEU C 538 -14.20 20.53 -22.31
C LEU C 538 -15.60 20.15 -21.88
N THR C 539 -16.03 18.95 -22.24
CA THR C 539 -17.41 18.50 -21.96
C THR C 539 -17.39 17.00 -21.60
N PRO C 540 -18.36 16.54 -20.80
CA PRO C 540 -18.29 15.12 -20.40
C PRO C 540 -18.07 14.18 -21.59
N LEU C 541 -17.44 13.05 -21.33
CA LEU C 541 -17.05 12.13 -22.39
C LEU C 541 -18.00 10.93 -22.39
N PRO C 542 -18.76 10.75 -23.49
CA PRO C 542 -19.65 9.58 -23.61
C PRO C 542 -18.96 8.28 -23.18
N GLU C 543 -17.76 8.05 -23.72
CA GLU C 543 -16.94 6.93 -23.30
C GLU C 543 -17.00 6.65 -21.79
N ALA C 544 -16.94 7.71 -20.98
CA ALA C 544 -16.82 7.62 -19.52
C ALA C 544 -17.99 6.94 -18.80
N ARG C 545 -19.21 7.38 -19.11
CA ARG C 545 -20.44 6.78 -18.52
C ARG C 545 -20.43 5.26 -18.71
N LEU C 546 -20.02 4.79 -19.89
CA LEU C 546 -19.91 3.36 -20.18
C LEU C 546 -18.63 2.72 -19.58
N LEU C 547 -18.50 2.66 -18.25
CA LEU C 547 -17.26 2.16 -17.61
C LEU C 547 -17.43 1.68 -16.16
N ASP C 548 -16.95 0.46 -15.85
CA ASP C 548 -16.92 -0.01 -14.45
C ASP C 548 -15.50 -0.13 -13.89
N LEU C 549 -15.18 0.75 -12.94
CA LEU C 549 -13.87 0.80 -12.31
C LEU C 549 -13.90 0.43 -10.81
N SER C 550 -15.05 -0.03 -10.29
CA SER C 550 -15.19 -0.29 -8.84
C SER C 550 -14.28 -1.42 -8.30
N SER C 551 -13.84 -2.32 -9.20
CA SER C 551 -12.85 -3.35 -8.85
C SER C 551 -11.44 -2.80 -8.57
N TRP C 552 -11.15 -1.59 -9.06
CA TRP C 552 -9.81 -1.01 -8.97
C TRP C 552 -9.40 -0.61 -7.55
N PHE C 553 -10.34 -0.06 -6.78
CA PHE C 553 -10.03 0.47 -5.43
C PHE C 553 -10.98 -0.10 -4.34
N THR C 554 -11.61 -1.24 -4.61
CA THR C 554 -12.53 -1.88 -3.66
C THR C 554 -12.56 -3.39 -3.85
MN MN D . 2.88 2.38 7.60
MN MN E . 4.99 1.50 10.22
MN MN F . -8.03 -22.07 18.11
CL CL G . -15.21 25.25 -10.15
PB GDP H . 7.24 -0.71 9.06
O1B GDP H . 6.18 -0.24 10.05
O2B GDP H . 8.58 -0.05 9.16
O3B GDP H . 7.39 -2.23 8.97
O3A GDP H . 6.74 -0.27 7.58
PA GDP H . 5.30 0.33 7.12
O1A GDP H . 4.76 1.30 8.15
O2A GDP H . 5.48 0.80 5.71
O5' GDP H . 4.36 -0.97 7.02
C5' GDP H . 3.84 -1.66 8.16
C4' GDP H . 3.64 -3.16 7.90
O4' GDP H . 2.90 -3.46 6.68
C3' GDP H . 4.93 -3.93 7.78
O3' GDP H . 5.63 -4.10 9.03
C2' GDP H . 4.43 -5.20 7.09
O2' GDP H . 3.87 -6.17 8.00
C1' GDP H . 3.38 -4.68 6.12
N9 GDP H . 4.10 -4.50 4.84
C8 GDP H . 4.73 -3.41 4.40
N7 GDP H . 5.33 -3.65 3.21
C5 GDP H . 5.12 -4.94 2.89
C6 GDP H . 5.47 -5.86 1.79
O6 GDP H . 6.15 -5.50 0.80
N1 GDP H . 5.02 -7.13 1.88
C2 GDP H . 4.28 -7.58 2.92
N2 GDP H . 3.87 -8.87 2.94
N3 GDP H . 3.93 -6.79 3.95
C4 GDP H . 4.32 -5.49 4.00
C1 B3P I . -17.78 23.98 10.38
C2 B3P I . -18.63 24.14 11.63
C3 B3P I . -16.53 24.86 10.43
N1 B3P I . -15.32 24.07 10.62
C4 B3P I . -14.06 24.44 9.98
C5 B3P I . -12.92 23.62 10.61
C6 B3P I . -14.13 24.15 8.48
C7 B3P I . -13.79 25.94 10.21
N2 B3P I . -20.04 24.11 11.30
C8 B3P I . -20.98 25.08 11.82
C9 B3P I . -20.87 25.18 13.35
C10 B3P I . -22.39 24.59 11.49
C11 B3P I . -20.80 26.41 11.08
O1 B3P I . -20.73 26.55 13.76
O2 B3P I . -22.52 23.22 11.90
O3 B3P I . -19.58 27.09 11.41
O4 B3P I . -11.62 23.98 10.12
O5 B3P I . -14.62 22.83 8.21
O6 B3P I . -14.11 26.35 11.55
#